data_7K2G
#
_entry.id   7K2G
#
_cell.length_a   161.583
_cell.length_b   68.665
_cell.length_c   77.177
_cell.angle_alpha   90.000
_cell.angle_beta   117.500
_cell.angle_gamma   90.000
#
_symmetry.space_group_name_H-M   'C 1 2 1'
#
loop_
_entity.id
_entity.type
_entity.pdbx_description
1 polymer 'Kelch-like ECH-associated protein 1'
2 polymer GLY-ASP-GLU-GLU-ALA-GLY-GLU
3 water water
#
loop_
_entity_poly.entity_id
_entity_poly.type
_entity_poly.pdbx_seq_one_letter_code
_entity_poly.pdbx_strand_id
1 'polypeptide(L)'
;VGRLIYTAGGYFRQSLSYLEAYNPSDGTWLRLADLQVPRSGLAGCVVGGLLYAVGGRNNSPDGNTDSSALDCYNPMTNQW
SPCAPMSVPRNRIGVGVIDGHIYAVGGSHGCIHHNSVERYEPERDEWHLVAPMLTRRIGVGVAVLNRLLYAVGGFDGTNR
LNSAECYYPERNEWRMITAMNTIRSGAGVCVLHNCIYAAGGYDGQDQLNSVERYDVATATWTFVAPMKHRRSALGITVHQ
GRIYVLGGYDGHTFLDSVECYDPDTDTWSEVTRMTSGRSGVGVAVTMEPSRKQIDQQNCTC
;
A,B
2 'polypeptide(L)' GDEEAGE P
#
# COMPACT_ATOMS: atom_id res chain seq x y z
N LEU A 4 0.18 -15.25 18.16
CA LEU A 4 -0.81 -16.32 18.24
C LEU A 4 -1.93 -16.08 17.24
N ILE A 5 -2.61 -17.15 16.84
CA ILE A 5 -3.76 -17.07 15.95
C ILE A 5 -5.01 -17.15 16.82
N TYR A 6 -5.71 -16.02 16.95
CA TYR A 6 -6.90 -15.93 17.78
C TYR A 6 -8.13 -16.22 16.95
N THR A 7 -8.95 -17.16 17.41
CA THR A 7 -10.28 -17.42 16.88
C THR A 7 -11.32 -17.04 17.93
N ALA A 8 -12.35 -16.33 17.50
CA ALA A 8 -13.37 -15.77 18.37
C ALA A 8 -14.74 -16.12 17.84
N GLY A 9 -15.63 -16.56 18.72
CA GLY A 9 -17.00 -16.85 18.34
C GLY A 9 -17.07 -18.11 17.50
N GLY A 10 -18.08 -18.16 16.64
CA GLY A 10 -18.30 -19.30 15.78
C GLY A 10 -19.67 -19.92 16.02
N TYR A 11 -19.94 -21.00 15.30
CA TYR A 11 -21.24 -21.66 15.42
C TYR A 11 -21.20 -23.17 15.18
N PHE A 12 -21.41 -23.92 16.27
CA PHE A 12 -21.45 -25.38 16.21
C PHE A 12 -22.81 -25.77 16.76
N ARG A 13 -23.83 -25.52 15.94
CA ARG A 13 -25.28 -25.73 16.19
C ARG A 13 -25.93 -24.72 17.15
N GLN A 14 -25.17 -23.68 17.49
CA GLN A 14 -25.53 -22.58 18.38
C GLN A 14 -24.34 -21.63 18.35
N SER A 15 -24.56 -20.33 18.51
CA SER A 15 -23.45 -19.40 18.50
C SER A 15 -22.58 -19.60 19.74
N LEU A 16 -21.29 -19.32 19.60
CA LEU A 16 -20.29 -19.67 20.60
C LEU A 16 -19.62 -18.41 21.15
N SER A 17 -19.09 -18.54 22.36
CA SER A 17 -18.39 -17.46 23.04
C SER A 17 -16.88 -17.66 23.11
N TYR A 18 -16.37 -18.76 22.56
CA TYR A 18 -14.96 -19.10 22.71
C TYR A 18 -14.04 -18.02 22.16
N LEU A 19 -12.98 -17.72 22.91
CA LEU A 19 -11.81 -17.02 22.40
C LEU A 19 -10.62 -17.93 22.68
N GLU A 20 -10.03 -18.47 21.62
CA GLU A 20 -8.91 -19.38 21.78
C GLU A 20 -7.77 -18.93 20.89
N ALA A 21 -6.54 -19.22 21.32
CA ALA A 21 -5.36 -18.75 20.62
C ALA A 21 -4.44 -19.91 20.33
N TYR A 22 -4.04 -20.05 19.08
CA TYR A 22 -3.21 -21.16 18.63
C TYR A 22 -1.76 -20.70 18.47
N ASN A 23 -0.85 -21.54 18.94
CA ASN A 23 0.58 -21.32 18.85
C ASN A 23 1.14 -22.26 17.79
N PRO A 24 1.52 -21.75 16.60
CA PRO A 24 1.98 -22.65 15.54
C PRO A 24 3.29 -23.34 15.86
N SER A 25 4.04 -22.85 16.86
CA SER A 25 5.24 -23.54 17.34
C SER A 25 4.87 -24.59 18.38
N ASP A 26 4.14 -24.18 19.42
CA ASP A 26 3.74 -25.08 20.49
C ASP A 26 2.74 -26.12 20.03
N GLY A 27 1.89 -25.77 19.07
CA GLY A 27 0.67 -26.51 18.80
C GLY A 27 -0.40 -26.37 19.85
N THR A 28 -0.21 -25.52 20.85
CA THR A 28 -1.18 -25.43 21.94
C THR A 28 -2.33 -24.52 21.55
N TRP A 29 -3.47 -24.75 22.20
CA TRP A 29 -4.60 -23.84 22.15
C TRP A 29 -4.76 -23.27 23.55
N LEU A 30 -4.79 -21.95 23.65
CA LEU A 30 -4.99 -21.26 24.91
C LEU A 30 -6.46 -20.85 24.98
N ARG A 31 -7.10 -21.15 26.10
CA ARG A 31 -8.47 -20.73 26.34
C ARG A 31 -8.46 -19.42 27.08
N LEU A 32 -9.00 -18.38 26.45
CA LEU A 32 -8.93 -17.03 26.97
C LEU A 32 -10.32 -16.56 27.40
N ALA A 33 -10.44 -15.27 27.66
CA ALA A 33 -11.71 -14.72 28.15
C ALA A 33 -12.81 -14.88 27.11
N ASP A 34 -13.95 -15.42 27.55
CA ASP A 34 -15.12 -15.59 26.71
C ASP A 34 -15.58 -14.24 26.16
N LEU A 35 -16.13 -14.27 24.95
CA LEU A 35 -16.89 -13.12 24.46
C LEU A 35 -18.02 -12.81 25.44
N GLN A 36 -18.37 -11.53 25.54
CA GLN A 36 -19.49 -11.15 26.39
C GLN A 36 -20.79 -11.76 25.88
N VAL A 37 -20.92 -11.90 24.56
CA VAL A 37 -22.13 -12.44 23.93
C VAL A 37 -21.70 -13.52 22.93
N PRO A 38 -22.32 -14.70 22.94
CA PRO A 38 -22.02 -15.68 21.89
C PRO A 38 -22.37 -15.11 20.53
N ARG A 39 -21.48 -15.34 19.56
CA ARG A 39 -21.64 -14.74 18.23
C ARG A 39 -21.03 -15.64 17.17
N SER A 40 -21.74 -15.80 16.06
CA SER A 40 -21.27 -16.43 14.84
C SER A 40 -21.44 -15.46 13.68
N GLY A 41 -20.75 -15.74 12.57
CA GLY A 41 -20.81 -14.84 11.43
C GLY A 41 -20.14 -13.50 11.66
N LEU A 42 -19.30 -13.40 12.68
CA LEU A 42 -18.56 -12.19 13.00
C LEU A 42 -17.22 -12.20 12.28
N ALA A 43 -16.51 -11.07 12.37
CA ALA A 43 -15.17 -10.98 11.83
C ALA A 43 -14.23 -10.48 12.91
N GLY A 44 -12.95 -10.78 12.74
CA GLY A 44 -11.93 -10.33 13.66
C GLY A 44 -10.87 -9.53 12.94
N CYS A 45 -10.26 -8.60 13.65
CA CYS A 45 -9.14 -7.86 13.10
C CYS A 45 -8.29 -7.39 14.27
N VAL A 46 -7.15 -6.80 13.97
CA VAL A 46 -6.26 -6.28 14.99
C VAL A 46 -5.87 -4.86 14.64
N VAL A 47 -5.99 -3.95 15.61
CA VAL A 47 -5.47 -2.60 15.48
C VAL A 47 -4.76 -2.24 16.77
N GLY A 48 -3.54 -1.73 16.65
CA GLY A 48 -2.76 -1.35 17.83
C GLY A 48 -2.61 -2.46 18.84
N GLY A 49 -2.44 -3.70 18.37
CA GLY A 49 -2.33 -4.84 19.24
C GLY A 49 -3.62 -5.34 19.84
N LEU A 50 -4.70 -4.56 19.75
CA LEU A 50 -6.00 -4.96 20.26
C LEU A 50 -6.77 -5.79 19.23
N LEU A 51 -7.46 -6.83 19.71
CA LEU A 51 -8.21 -7.73 18.85
C LEU A 51 -9.68 -7.31 18.86
N TYR A 52 -10.22 -6.98 17.70
CA TYR A 52 -11.60 -6.53 17.58
C TYR A 52 -12.46 -7.64 17.00
N ALA A 53 -13.60 -7.90 17.66
CA ALA A 53 -14.68 -8.75 17.16
C ALA A 53 -15.83 -7.87 16.69
N VAL A 54 -16.25 -8.06 15.43
CA VAL A 54 -17.13 -7.14 14.73
C VAL A 54 -18.33 -7.91 14.20
N GLY A 55 -19.53 -7.40 14.50
CA GLY A 55 -20.76 -7.91 13.91
C GLY A 55 -21.08 -9.32 14.36
N GLY A 56 -21.76 -10.05 13.49
CA GLY A 56 -22.14 -11.41 13.79
C GLY A 56 -23.61 -11.56 14.16
N ARG A 57 -23.89 -12.66 14.86
CA ARG A 57 -25.26 -13.00 15.23
C ARG A 57 -25.24 -13.90 16.45
N ASN A 58 -26.15 -13.65 17.38
CA ASN A 58 -26.35 -14.47 18.57
C ASN A 58 -27.49 -15.44 18.27
N ASN A 59 -27.12 -16.67 17.92
CA ASN A 59 -28.06 -17.78 17.81
C ASN A 59 -28.04 -18.54 19.14
N SER A 60 -29.08 -18.36 19.95
CA SER A 60 -29.14 -19.01 21.25
C SER A 60 -30.46 -19.74 21.36
N PRO A 61 -30.53 -20.78 22.21
CA PRO A 61 -31.79 -21.52 22.39
C PRO A 61 -33.01 -20.64 22.59
N ASP A 62 -32.85 -19.40 23.03
CA ASP A 62 -33.98 -18.54 23.39
C ASP A 62 -34.10 -17.32 22.48
N GLY A 63 -33.24 -17.18 21.48
CA GLY A 63 -33.27 -15.97 20.68
C GLY A 63 -32.40 -16.11 19.45
N ASN A 64 -32.57 -15.17 18.53
CA ASN A 64 -31.81 -15.17 17.28
C ASN A 64 -31.67 -13.73 16.78
N THR A 65 -30.67 -13.02 17.30
CA THR A 65 -30.50 -11.59 17.01
C THR A 65 -29.21 -11.32 16.26
N ASP A 66 -29.29 -10.69 15.09
CA ASP A 66 -28.08 -10.19 14.45
C ASP A 66 -27.48 -9.07 15.32
N SER A 67 -26.17 -8.87 15.18
CA SER A 67 -25.43 -8.01 16.10
C SER A 67 -24.73 -6.88 15.35
N SER A 68 -24.82 -5.67 15.89
CA SER A 68 -24.04 -4.52 15.45
C SER A 68 -22.85 -4.25 16.34
N ALA A 69 -22.56 -5.13 17.29
CA ALA A 69 -21.63 -4.83 18.35
C ALA A 69 -20.19 -4.89 17.84
N LEU A 70 -19.35 -4.04 18.43
CA LEU A 70 -17.91 -4.07 18.25
C LEU A 70 -17.27 -4.20 19.62
N ASP A 71 -16.46 -5.25 19.81
CA ASP A 71 -15.85 -5.49 21.10
C ASP A 71 -14.35 -5.69 20.94
N CYS A 72 -13.60 -5.32 21.98
CA CYS A 72 -12.16 -5.17 21.94
C CYS A 72 -11.52 -6.02 23.04
N TYR A 73 -10.60 -6.89 22.65
CA TYR A 73 -9.91 -7.80 23.55
C TYR A 73 -8.47 -7.35 23.69
N ASN A 74 -8.00 -7.24 24.93
CA ASN A 74 -6.63 -6.83 25.21
C ASN A 74 -5.81 -8.02 25.70
N PRO A 75 -4.80 -8.47 24.96
CA PRO A 75 -4.01 -9.64 25.38
C PRO A 75 -3.20 -9.41 26.64
N MET A 76 -3.07 -8.16 27.11
CA MET A 76 -2.28 -7.85 28.28
C MET A 76 -3.10 -7.81 29.55
N THR A 77 -4.42 -7.74 29.44
CA THR A 77 -5.33 -7.90 30.56
C THR A 77 -6.15 -9.18 30.48
N ASN A 78 -6.16 -9.86 29.33
CA ASN A 78 -7.11 -10.94 29.04
C ASN A 78 -8.53 -10.51 29.36
N GLN A 79 -8.89 -9.30 28.94
CA GLN A 79 -10.22 -8.76 29.15
C GLN A 79 -10.82 -8.27 27.83
N TRP A 80 -12.12 -8.49 27.69
CA TRP A 80 -12.93 -7.87 26.66
C TRP A 80 -13.51 -6.58 27.20
N SER A 81 -13.77 -5.64 26.30
CA SER A 81 -14.35 -4.35 26.64
C SER A 81 -15.18 -3.92 25.43
N PRO A 82 -16.38 -3.40 25.65
CA PRO A 82 -17.23 -3.01 24.51
C PRO A 82 -16.75 -1.73 23.86
N CYS A 83 -17.02 -1.61 22.56
CA CYS A 83 -16.79 -0.39 21.80
C CYS A 83 -18.13 0.14 21.32
N ALA A 84 -18.10 1.32 20.71
CA ALA A 84 -19.31 1.87 20.11
C ALA A 84 -19.79 0.92 19.02
N PRO A 85 -21.10 0.70 18.89
CA PRO A 85 -21.62 -0.23 17.90
C PRO A 85 -21.72 0.39 16.51
N MET A 86 -21.86 -0.49 15.53
CA MET A 86 -22.10 -0.03 14.16
C MET A 86 -23.51 0.52 14.02
N SER A 87 -23.74 1.25 12.94
CA SER A 87 -25.06 1.81 12.66
C SER A 87 -26.13 0.72 12.52
N VAL A 88 -25.77 -0.43 11.96
CA VAL A 88 -26.75 -1.50 11.76
C VAL A 88 -26.12 -2.84 12.14
N PRO A 89 -26.96 -3.81 12.50
CA PRO A 89 -26.45 -5.17 12.69
C PRO A 89 -26.00 -5.77 11.37
N ARG A 90 -24.90 -6.53 11.43
CA ARG A 90 -24.28 -7.11 10.23
C ARG A 90 -23.84 -8.54 10.55
N ASN A 91 -24.71 -9.51 10.23
CA ASN A 91 -24.33 -10.91 10.30
C ASN A 91 -23.66 -11.30 8.99
N ARG A 92 -22.65 -12.17 9.09
CA ARG A 92 -21.83 -12.57 7.95
C ARG A 92 -21.19 -11.35 7.29
N ILE A 93 -20.47 -10.61 8.12
CA ILE A 93 -19.85 -9.35 7.76
C ILE A 93 -18.44 -9.61 7.23
N GLY A 94 -17.90 -8.63 6.50
CA GLY A 94 -16.48 -8.60 6.19
C GLY A 94 -15.84 -7.34 6.77
N VAL A 95 -14.57 -7.45 7.17
CA VAL A 95 -13.89 -6.29 7.74
C VAL A 95 -12.49 -6.21 7.17
N GLY A 96 -12.01 -4.98 7.02
CA GLY A 96 -10.63 -4.73 6.64
C GLY A 96 -10.11 -3.53 7.39
N VAL A 97 -8.78 -3.43 7.47
CA VAL A 97 -8.14 -2.37 8.24
C VAL A 97 -7.28 -1.52 7.32
N ILE A 98 -7.50 -0.21 7.34
CA ILE A 98 -6.70 0.74 6.58
C ILE A 98 -6.38 1.93 7.47
N ASP A 99 -5.08 2.23 7.62
CA ASP A 99 -4.62 3.41 8.36
C ASP A 99 -5.16 3.39 9.79
N GLY A 100 -5.16 2.21 10.40
CA GLY A 100 -5.69 2.06 11.75
C GLY A 100 -7.18 2.23 11.90
N HIS A 101 -7.94 2.21 10.80
CA HIS A 101 -9.39 2.30 10.86
C HIS A 101 -10.01 0.99 10.37
N ILE A 102 -11.11 0.60 11.01
CA ILE A 102 -11.78 -0.66 10.71
C ILE A 102 -12.96 -0.40 9.79
N TYR A 103 -12.95 -1.00 8.60
CA TYR A 103 -14.06 -0.94 7.67
C TYR A 103 -14.90 -2.19 7.81
N ALA A 104 -16.17 -2.00 8.16
CA ALA A 104 -17.19 -3.04 8.21
C ALA A 104 -18.01 -3.00 6.94
N VAL A 105 -18.12 -4.15 6.28
CA VAL A 105 -18.57 -4.29 4.90
C VAL A 105 -19.70 -5.32 4.84
N GLY A 106 -20.84 -4.90 4.29
CA GLY A 106 -21.88 -5.84 3.93
C GLY A 106 -22.52 -6.49 5.14
N GLY A 107 -22.80 -7.78 5.00
CA GLY A 107 -23.53 -8.51 6.03
C GLY A 107 -25.01 -8.39 5.86
N SER A 108 -25.74 -9.03 6.76
CA SER A 108 -27.18 -9.06 6.70
C SER A 108 -27.76 -8.62 8.03
N HIS A 109 -29.00 -8.15 7.99
CA HIS A 109 -29.80 -7.87 9.18
C HIS A 109 -31.19 -8.37 8.87
N GLY A 110 -31.53 -9.55 9.40
CA GLY A 110 -32.78 -10.14 8.99
C GLY A 110 -32.81 -10.36 7.49
N CYS A 111 -33.94 -10.03 6.87
CA CYS A 111 -34.07 -10.06 5.43
C CYS A 111 -33.22 -9.03 4.71
N ILE A 112 -32.61 -8.09 5.42
CA ILE A 112 -31.91 -6.98 4.77
C ILE A 112 -30.49 -7.40 4.44
N HIS A 113 -30.13 -7.30 3.17
CA HIS A 113 -28.78 -7.61 2.70
C HIS A 113 -28.06 -6.29 2.41
N HIS A 114 -27.03 -5.98 3.20
CA HIS A 114 -26.39 -4.68 3.13
C HIS A 114 -25.49 -4.55 1.91
N ASN A 115 -25.53 -3.39 1.27
CA ASN A 115 -24.40 -2.89 0.51
C ASN A 115 -23.66 -1.78 1.24
N SER A 116 -24.18 -1.33 2.38
CA SER A 116 -23.57 -0.26 3.15
C SER A 116 -22.23 -0.67 3.74
N VAL A 117 -21.36 0.33 3.91
CA VAL A 117 -20.02 0.16 4.48
C VAL A 117 -19.81 1.28 5.49
N GLU A 118 -19.16 0.97 6.61
CA GLU A 118 -18.85 2.02 7.58
C GLU A 118 -17.45 1.84 8.16
N ARG A 119 -16.93 2.95 8.67
CA ARG A 119 -15.54 3.09 9.09
C ARG A 119 -15.50 3.45 10.58
N TYR A 120 -14.70 2.70 11.35
CA TYR A 120 -14.52 2.90 12.77
C TYR A 120 -13.14 3.49 13.03
N GLU A 121 -13.11 4.54 13.87
CA GLU A 121 -11.88 5.20 14.28
C GLU A 121 -11.60 4.86 15.74
N PRO A 122 -10.63 3.99 16.03
CA PRO A 122 -10.35 3.61 17.43
C PRO A 122 -10.02 4.76 18.36
N GLU A 123 -9.42 5.83 17.86
CA GLU A 123 -9.00 6.92 18.73
C GLU A 123 -10.10 7.94 18.99
N ARG A 124 -11.27 7.77 18.39
CA ARG A 124 -12.47 8.50 18.77
C ARG A 124 -13.62 7.60 19.20
N ASP A 125 -13.47 6.28 19.10
CA ASP A 125 -14.57 5.33 19.34
C ASP A 125 -15.84 5.77 18.59
N GLU A 126 -15.70 5.93 17.28
CA GLU A 126 -16.75 6.47 16.43
C GLU A 126 -16.84 5.68 15.13
N TRP A 127 -18.07 5.41 14.71
CA TRP A 127 -18.36 4.85 13.40
C TRP A 127 -18.95 5.94 12.51
N HIS A 128 -18.63 5.88 11.23
CA HIS A 128 -19.17 6.79 10.23
C HIS A 128 -19.46 6.03 8.94
N LEU A 129 -20.60 6.31 8.32
CA LEU A 129 -20.93 5.66 7.06
C LEU A 129 -20.04 6.19 5.95
N VAL A 130 -19.61 5.29 5.05
CA VAL A 130 -18.90 5.69 3.84
C VAL A 130 -19.74 5.26 2.64
N ALA A 131 -19.22 5.44 1.44
CA ALA A 131 -19.93 5.05 0.23
C ALA A 131 -20.32 3.58 0.29
N PRO A 132 -21.55 3.23 -0.08
CA PRO A 132 -21.94 1.82 -0.14
C PRO A 132 -21.36 1.15 -1.38
N MET A 133 -21.22 -0.18 -1.28
CA MET A 133 -20.73 -0.96 -2.38
C MET A 133 -21.69 -0.91 -3.57
N LEU A 134 -21.18 -1.34 -4.73
CA LEU A 134 -22.04 -1.50 -5.90
C LEU A 134 -22.99 -2.67 -5.73
N THR A 135 -22.68 -3.59 -4.83
CA THR A 135 -23.42 -4.84 -4.70
C THR A 135 -23.74 -5.09 -3.23
N ARG A 136 -24.94 -5.61 -2.98
CA ARG A 136 -25.27 -6.15 -1.68
C ARG A 136 -24.53 -7.47 -1.50
N ARG A 137 -23.82 -7.62 -0.40
CA ARG A 137 -22.91 -8.75 -0.20
C ARG A 137 -22.98 -9.18 1.25
N ILE A 138 -23.52 -10.37 1.50
CA ILE A 138 -23.38 -11.04 2.78
C ILE A 138 -22.49 -12.26 2.57
N GLY A 139 -21.81 -12.68 3.63
CA GLY A 139 -20.76 -13.67 3.46
C GLY A 139 -19.65 -13.17 2.58
N VAL A 140 -19.36 -11.89 2.64
CA VAL A 140 -18.39 -11.25 1.75
C VAL A 140 -17.00 -11.42 2.35
N GLY A 141 -16.02 -11.68 1.48
CA GLY A 141 -14.62 -11.67 1.89
C GLY A 141 -14.02 -10.30 1.67
N VAL A 142 -13.21 -9.86 2.62
CA VAL A 142 -12.65 -8.51 2.58
C VAL A 142 -11.15 -8.58 2.80
N ALA A 143 -10.40 -7.82 2.00
CA ALA A 143 -8.95 -7.79 2.11
C ALA A 143 -8.47 -6.37 1.81
N VAL A 144 -7.28 -6.04 2.29
CA VAL A 144 -6.72 -4.70 2.08
C VAL A 144 -5.38 -4.85 1.38
N LEU A 145 -5.22 -4.12 0.28
CA LEU A 145 -3.99 -4.20 -0.49
C LEU A 145 -3.65 -2.80 -0.97
N ASN A 146 -2.43 -2.35 -0.66
CA ASN A 146 -1.97 -1.00 -0.99
C ASN A 146 -2.98 0.05 -0.54
N ARG A 147 -3.50 -0.13 0.67
CA ARG A 147 -4.44 0.79 1.31
C ARG A 147 -5.73 0.94 0.51
N LEU A 148 -6.08 -0.03 -0.32
CA LEU A 148 -7.38 -0.08 -0.96
C LEU A 148 -8.14 -1.30 -0.45
N LEU A 149 -9.47 -1.18 -0.39
CA LEU A 149 -10.29 -2.16 0.30
C LEU A 149 -11.05 -3.01 -0.71
N TYR A 150 -10.87 -4.32 -0.65
CA TYR A 150 -11.47 -5.22 -1.62
C TYR A 150 -12.58 -6.04 -0.96
N ALA A 151 -13.74 -6.04 -1.62
CA ALA A 151 -14.87 -6.88 -1.24
C ALA A 151 -15.07 -7.91 -2.35
N VAL A 152 -15.10 -9.18 -1.95
CA VAL A 152 -14.93 -10.32 -2.83
C VAL A 152 -16.07 -11.31 -2.58
N GLY A 153 -16.82 -11.63 -3.63
CA GLY A 153 -17.81 -12.68 -3.54
C GLY A 153 -18.97 -12.30 -2.63
N GLY A 154 -19.62 -13.33 -2.09
CA GLY A 154 -20.74 -13.16 -1.21
C GLY A 154 -22.07 -13.58 -1.84
N PHE A 155 -23.14 -13.09 -1.22
CA PHE A 155 -24.50 -13.51 -1.55
C PHE A 155 -25.37 -12.26 -1.44
N ASP A 156 -26.08 -11.92 -2.52
CA ASP A 156 -26.85 -10.69 -2.55
C ASP A 156 -28.29 -10.88 -2.08
N GLY A 157 -28.63 -12.05 -1.56
CA GLY A 157 -30.00 -12.38 -1.21
C GLY A 157 -30.70 -13.28 -2.21
N THR A 158 -30.23 -13.29 -3.46
CA THR A 158 -30.83 -14.10 -4.51
C THR A 158 -29.77 -14.94 -5.20
N ASN A 159 -28.66 -14.31 -5.56
CA ASN A 159 -27.56 -14.97 -6.25
C ASN A 159 -26.28 -14.89 -5.43
N ARG A 160 -25.50 -15.97 -5.45
CA ARG A 160 -24.12 -15.91 -4.99
C ARG A 160 -23.24 -15.29 -6.07
N LEU A 161 -22.14 -14.68 -5.65
CA LEU A 161 -21.36 -13.78 -6.49
C LEU A 161 -19.93 -14.27 -6.65
N ASN A 162 -19.38 -14.10 -7.84
CA ASN A 162 -17.95 -14.17 -8.07
C ASN A 162 -17.34 -12.79 -8.31
N SER A 163 -18.17 -11.75 -8.39
CA SER A 163 -17.67 -10.41 -8.65
C SER A 163 -16.88 -9.90 -7.45
N ALA A 164 -15.99 -8.93 -7.72
CA ALA A 164 -15.27 -8.25 -6.66
C ALA A 164 -15.19 -6.76 -6.99
N GLU A 165 -15.12 -5.95 -5.95
CA GLU A 165 -15.01 -4.50 -6.12
C GLU A 165 -14.01 -3.94 -5.12
N CYS A 166 -13.53 -2.73 -5.43
CA CYS A 166 -12.43 -2.10 -4.71
C CYS A 166 -12.84 -0.69 -4.32
N TYR A 167 -12.66 -0.38 -3.03
CA TYR A 167 -13.00 0.91 -2.45
C TYR A 167 -11.73 1.74 -2.29
N TYR A 168 -11.81 2.99 -2.77
CA TYR A 168 -10.73 3.97 -2.65
C TYR A 168 -11.08 4.92 -1.52
N PRO A 169 -10.39 4.85 -0.38
CA PRO A 169 -10.84 5.64 0.79
C PRO A 169 -10.80 7.15 0.57
N GLU A 170 -9.83 7.67 -0.17
CA GLU A 170 -9.67 9.11 -0.29
C GLU A 170 -10.63 9.72 -1.30
N ARG A 171 -11.18 8.92 -2.21
CA ARG A 171 -12.19 9.40 -3.14
C ARG A 171 -13.57 8.87 -2.79
N ASN A 172 -13.65 7.92 -1.84
CA ASN A 172 -14.91 7.44 -1.29
C ASN A 172 -15.82 6.87 -2.38
N GLU A 173 -15.27 5.92 -3.15
CA GLU A 173 -16.05 5.27 -4.18
C GLU A 173 -15.56 3.85 -4.39
N TRP A 174 -16.47 3.03 -4.89
CA TRP A 174 -16.20 1.64 -5.23
C TRP A 174 -16.13 1.51 -6.74
N ARG A 175 -15.22 0.66 -7.21
CA ARG A 175 -15.11 0.33 -8.62
C ARG A 175 -15.01 -1.18 -8.76
N MET A 176 -15.75 -1.74 -9.73
CA MET A 176 -15.67 -3.17 -9.97
C MET A 176 -14.28 -3.54 -10.48
N ILE A 177 -13.79 -4.70 -10.08
CA ILE A 177 -12.54 -5.23 -10.60
C ILE A 177 -12.82 -6.53 -11.32
N THR A 178 -11.76 -7.23 -11.75
CA THR A 178 -11.94 -8.52 -12.39
C THR A 178 -12.60 -9.50 -11.42
N ALA A 179 -13.59 -10.23 -11.91
CA ALA A 179 -14.29 -11.20 -11.09
C ALA A 179 -13.44 -12.46 -10.93
N MET A 180 -13.69 -13.18 -9.84
CA MET A 180 -13.01 -14.45 -9.60
C MET A 180 -13.41 -15.48 -10.66
N ASN A 181 -12.62 -16.55 -10.72
CA ASN A 181 -13.01 -17.68 -11.56
C ASN A 181 -14.25 -18.38 -11.01
N THR A 182 -14.38 -18.44 -9.68
CA THR A 182 -15.41 -19.24 -9.02
C THR A 182 -16.33 -18.36 -8.18
N ILE A 183 -17.63 -18.68 -8.22
CA ILE A 183 -18.59 -18.03 -7.33
C ILE A 183 -18.38 -18.55 -5.91
N ARG A 184 -18.27 -17.62 -4.95
CA ARG A 184 -18.01 -17.96 -3.55
C ARG A 184 -18.77 -17.02 -2.63
N SER A 185 -19.61 -17.58 -1.77
CA SER A 185 -20.08 -16.90 -0.57
C SER A 185 -19.50 -17.61 0.65
N GLY A 186 -19.15 -16.86 1.69
CA GLY A 186 -18.52 -17.44 2.86
C GLY A 186 -17.15 -18.02 2.60
N ALA A 187 -16.39 -17.41 1.68
CA ALA A 187 -15.00 -17.79 1.47
C ALA A 187 -14.09 -17.11 2.48
N GLY A 188 -12.87 -17.64 2.61
CA GLY A 188 -11.87 -17.00 3.40
C GLY A 188 -11.00 -16.14 2.49
N VAL A 189 -10.90 -14.85 2.77
CA VAL A 189 -10.19 -13.93 1.90
C VAL A 189 -9.16 -13.17 2.73
N CYS A 190 -7.92 -13.20 2.27
CA CYS A 190 -6.84 -12.56 3.01
C CYS A 190 -5.87 -12.00 1.99
N VAL A 191 -4.87 -11.26 2.48
CA VAL A 191 -3.87 -10.66 1.60
C VAL A 191 -2.45 -11.12 1.95
N LEU A 192 -1.97 -12.14 1.22
CA LEU A 192 -0.64 -12.67 1.44
C LEU A 192 0.36 -11.95 0.55
N HIS A 193 1.51 -11.60 1.12
CA HIS A 193 2.57 -10.90 0.40
C HIS A 193 2.04 -9.67 -0.34
N ASN A 194 1.64 -9.87 -1.60
CA ASN A 194 1.12 -8.79 -2.41
C ASN A 194 -0.03 -9.27 -3.29
N CYS A 195 -0.66 -10.37 -2.88
CA CYS A 195 -1.78 -10.93 -3.62
C CYS A 195 -2.98 -11.17 -2.70
N ILE A 196 -4.17 -11.25 -3.29
CA ILE A 196 -5.39 -11.47 -2.53
C ILE A 196 -5.81 -12.92 -2.73
N TYR A 197 -5.89 -13.69 -1.64
CA TYR A 197 -6.31 -15.07 -1.71
C TYR A 197 -7.79 -15.19 -1.31
N ALA A 198 -8.51 -16.00 -2.07
CA ALA A 198 -9.89 -16.36 -1.78
C ALA A 198 -9.94 -17.88 -1.79
N ALA A 199 -10.31 -18.46 -0.67
CA ALA A 199 -10.22 -19.89 -0.46
C ALA A 199 -11.55 -20.42 0.01
N GLY A 200 -12.00 -21.51 -0.61
CA GLY A 200 -13.23 -22.15 -0.17
C GLY A 200 -14.47 -21.33 -0.44
N GLY A 201 -15.48 -21.54 0.38
CA GLY A 201 -16.75 -20.88 0.21
C GLY A 201 -17.82 -21.82 -0.30
N TYR A 202 -18.92 -21.23 -0.75
CA TYR A 202 -20.11 -21.95 -1.19
C TYR A 202 -20.66 -21.26 -2.44
N ASP A 203 -20.92 -22.04 -3.49
CA ASP A 203 -21.36 -21.49 -4.76
C ASP A 203 -22.85 -21.68 -4.99
N GLY A 204 -23.59 -22.08 -3.97
CA GLY A 204 -24.99 -22.42 -4.10
C GLY A 204 -25.26 -23.89 -4.35
N GLN A 205 -24.25 -24.69 -4.66
CA GLN A 205 -24.42 -26.13 -4.80
C GLN A 205 -23.40 -26.95 -4.02
N ASP A 206 -22.14 -26.51 -3.97
CA ASP A 206 -21.11 -27.29 -3.31
C ASP A 206 -20.28 -26.36 -2.45
N GLN A 207 -19.81 -26.91 -1.32
CA GLN A 207 -18.71 -26.29 -0.61
C GLN A 207 -17.43 -26.51 -1.41
N LEU A 208 -16.51 -25.57 -1.30
CA LEU A 208 -15.38 -25.52 -2.22
C LEU A 208 -14.07 -25.74 -1.47
N ASN A 209 -13.13 -26.40 -2.15
CA ASN A 209 -11.75 -26.48 -1.69
C ASN A 209 -10.80 -25.69 -2.57
N SER A 210 -11.26 -25.17 -3.71
CA SER A 210 -10.41 -24.41 -4.61
C SER A 210 -9.96 -23.10 -3.97
N VAL A 211 -8.76 -22.68 -4.33
CA VAL A 211 -8.18 -21.42 -3.86
C VAL A 211 -7.68 -20.65 -5.07
N GLU A 212 -7.98 -19.36 -5.12
CA GLU A 212 -7.44 -18.54 -6.19
C GLU A 212 -6.91 -17.23 -5.62
N ARG A 213 -5.92 -16.66 -6.30
CA ARG A 213 -5.29 -15.43 -5.86
C ARG A 213 -5.32 -14.39 -6.97
N TYR A 214 -5.60 -13.16 -6.57
CA TYR A 214 -5.67 -12.00 -7.43
C TYR A 214 -4.36 -11.22 -7.37
N ASP A 215 -3.79 -10.98 -8.56
CA ASP A 215 -2.64 -10.11 -8.75
C ASP A 215 -3.12 -8.77 -9.32
N VAL A 216 -2.82 -7.69 -8.59
CA VAL A 216 -3.23 -6.35 -9.01
C VAL A 216 -2.43 -5.90 -10.22
N ALA A 217 -1.15 -6.28 -10.28
CA ALA A 217 -0.31 -5.85 -11.40
C ALA A 217 -0.84 -6.40 -12.72
N THR A 218 -1.39 -7.62 -12.72
CA THR A 218 -1.98 -8.20 -13.91
C THR A 218 -3.51 -8.13 -13.88
N ALA A 219 -4.09 -7.67 -12.78
CA ALA A 219 -5.54 -7.64 -12.59
C ALA A 219 -6.16 -8.99 -12.94
N THR A 220 -5.59 -10.07 -12.39
CA THR A 220 -6.00 -11.40 -12.80
C THR A 220 -6.13 -12.33 -11.60
N TRP A 221 -7.14 -13.20 -11.63
CA TRP A 221 -7.31 -14.27 -10.66
C TRP A 221 -6.75 -15.57 -11.23
N THR A 222 -5.94 -16.27 -10.43
CA THR A 222 -5.29 -17.50 -10.85
C THR A 222 -5.48 -18.55 -9.76
N PHE A 223 -5.88 -19.75 -10.15
CA PHE A 223 -5.99 -20.85 -9.19
C PHE A 223 -4.61 -21.27 -8.68
N VAL A 224 -4.57 -21.62 -7.39
CA VAL A 224 -3.41 -22.28 -6.81
C VAL A 224 -3.87 -23.63 -6.26
N ALA A 225 -3.01 -24.30 -5.51
CA ALA A 225 -3.35 -25.61 -4.96
C ALA A 225 -4.63 -25.51 -4.12
N PRO A 226 -5.56 -26.46 -4.27
CA PRO A 226 -6.76 -26.45 -3.43
C PRO A 226 -6.47 -26.95 -2.02
N MET A 227 -7.43 -26.69 -1.14
CA MET A 227 -7.30 -27.19 0.22
C MET A 227 -7.60 -28.68 0.27
N LYS A 228 -7.14 -29.31 1.35
CA LYS A 228 -7.50 -30.70 1.59
C LYS A 228 -9.01 -30.89 1.70
N HIS A 229 -9.68 -30.06 2.49
CA HIS A 229 -11.09 -30.23 2.76
C HIS A 229 -11.89 -29.03 2.27
N ARG A 230 -12.96 -29.30 1.52
CA ARG A 230 -13.89 -28.25 1.16
C ARG A 230 -14.52 -27.67 2.41
N ARG A 231 -14.79 -26.37 2.38
CA ARG A 231 -15.31 -25.68 3.56
C ARG A 231 -15.88 -24.31 3.21
N SER A 232 -17.04 -23.99 3.75
CA SER A 232 -17.59 -22.64 3.67
C SER A 232 -17.68 -22.07 5.09
N ALA A 233 -17.72 -20.73 5.16
CA ALA A 233 -17.76 -20.02 6.44
C ALA A 233 -16.55 -20.37 7.30
N LEU A 234 -15.40 -20.46 6.64
CA LEU A 234 -14.14 -20.75 7.32
C LEU A 234 -13.52 -19.47 7.86
N GLY A 235 -12.69 -19.62 8.88
CA GLY A 235 -11.83 -18.54 9.30
C GLY A 235 -10.52 -18.56 8.55
N ILE A 236 -9.90 -17.39 8.41
CA ILE A 236 -8.65 -17.29 7.65
C ILE A 236 -7.81 -16.18 8.27
N THR A 237 -6.50 -16.36 8.22
CA THR A 237 -5.55 -15.33 8.60
C THR A 237 -4.19 -15.67 8.00
N VAL A 238 -3.23 -14.76 8.21
CA VAL A 238 -1.85 -14.94 7.76
C VAL A 238 -0.95 -14.86 8.98
N HIS A 239 -0.08 -15.84 9.13
CA HIS A 239 0.89 -15.87 10.21
C HIS A 239 2.23 -16.28 9.63
N GLN A 240 3.25 -15.44 9.85
CA GLN A 240 4.63 -15.72 9.47
C GLN A 240 4.73 -16.22 8.03
N GLY A 241 4.07 -15.50 7.12
CA GLY A 241 4.18 -15.78 5.71
C GLY A 241 3.35 -16.95 5.20
N ARG A 242 2.49 -17.54 6.04
CA ARG A 242 1.69 -18.68 5.63
C ARG A 242 0.23 -18.41 5.94
N ILE A 243 -0.64 -18.95 5.11
CA ILE A 243 -2.08 -18.76 5.30
C ILE A 243 -2.60 -19.86 6.20
N TYR A 244 -3.45 -19.52 7.15
CA TYR A 244 -4.09 -20.50 7.99
C TYR A 244 -5.60 -20.38 7.81
N VAL A 245 -6.26 -21.52 7.65
CA VAL A 245 -7.71 -21.59 7.57
C VAL A 245 -8.21 -22.54 8.65
N LEU A 246 -9.29 -22.14 9.30
CA LEU A 246 -9.80 -22.75 10.52
C LEU A 246 -11.26 -23.12 10.34
N GLY A 247 -11.58 -24.40 10.54
CA GLY A 247 -12.97 -24.80 10.63
C GLY A 247 -13.73 -24.56 9.35
N GLY A 248 -15.01 -24.28 9.50
CA GLY A 248 -15.93 -24.14 8.39
C GLY A 248 -16.92 -25.28 8.36
N TYR A 249 -17.71 -25.30 7.30
CA TYR A 249 -18.80 -26.25 7.13
C TYR A 249 -18.65 -26.88 5.77
N ASP A 250 -18.78 -28.21 5.70
CA ASP A 250 -18.56 -28.92 4.45
C ASP A 250 -19.83 -29.59 3.93
N GLY A 251 -20.99 -29.12 4.36
CA GLY A 251 -22.25 -29.72 3.96
C GLY A 251 -22.75 -30.78 4.90
N HIS A 252 -21.88 -31.30 5.78
CA HIS A 252 -22.21 -32.40 6.66
C HIS A 252 -21.77 -32.09 8.10
N THR A 253 -20.57 -31.54 8.23
CA THR A 253 -19.93 -31.38 9.53
C THR A 253 -19.41 -29.97 9.70
N PHE A 254 -19.38 -29.53 10.95
CA PHE A 254 -18.65 -28.32 11.34
C PHE A 254 -17.21 -28.73 11.62
N LEU A 255 -16.30 -28.33 10.75
CA LEU A 255 -14.94 -28.82 10.81
C LEU A 255 -14.16 -28.21 11.97
N ASP A 256 -13.21 -28.99 12.48
CA ASP A 256 -12.19 -28.48 13.38
C ASP A 256 -10.79 -28.50 12.76
N SER A 257 -10.65 -29.10 11.58
CA SER A 257 -9.39 -29.08 10.84
C SER A 257 -8.87 -27.67 10.66
N VAL A 258 -7.56 -27.49 10.82
CA VAL A 258 -6.87 -26.25 10.46
C VAL A 258 -5.81 -26.58 9.43
N GLU A 259 -5.89 -25.92 8.27
CA GLU A 259 -4.93 -26.12 7.20
C GLU A 259 -4.04 -24.89 7.05
N CYS A 260 -2.82 -25.11 6.58
CA CYS A 260 -1.86 -24.04 6.44
C CYS A 260 -1.24 -24.11 5.04
N TYR A 261 -1.29 -23.00 4.34
CA TYR A 261 -0.77 -22.87 2.99
C TYR A 261 0.61 -22.21 3.03
N ASP A 262 1.58 -22.87 2.39
CA ASP A 262 2.92 -22.36 2.19
C ASP A 262 3.04 -21.91 0.74
N PRO A 263 3.15 -20.61 0.48
CA PRO A 263 3.17 -20.15 -0.92
C PRO A 263 4.43 -20.53 -1.67
N ASP A 264 5.50 -20.93 -0.99
CA ASP A 264 6.74 -21.25 -1.66
C ASP A 264 6.72 -22.66 -2.25
N THR A 265 6.01 -23.59 -1.62
CA THR A 265 5.81 -24.93 -2.16
C THR A 265 4.46 -25.11 -2.83
N ASP A 266 3.58 -24.10 -2.78
CA ASP A 266 2.19 -24.22 -3.21
C ASP A 266 1.56 -25.50 -2.65
N THR A 267 1.59 -25.60 -1.33
CA THR A 267 1.17 -26.80 -0.61
C THR A 267 0.30 -26.42 0.59
N TRP A 268 -0.80 -27.15 0.77
CA TRP A 268 -1.62 -27.07 1.96
C TRP A 268 -1.26 -28.20 2.91
N SER A 269 -1.34 -27.93 4.20
CA SER A 269 -0.98 -28.90 5.23
C SER A 269 -1.92 -28.76 6.41
N GLU A 270 -2.57 -29.86 6.79
CA GLU A 270 -3.28 -29.93 8.05
C GLU A 270 -2.30 -29.87 9.21
N VAL A 271 -2.39 -28.80 10.01
CA VAL A 271 -1.43 -28.58 11.09
C VAL A 271 -2.00 -28.85 12.48
N THR A 272 -3.30 -28.66 12.69
CA THR A 272 -3.88 -28.82 14.02
C THR A 272 -5.39 -29.01 13.88
N ARG A 273 -6.03 -29.34 15.00
CA ARG A 273 -7.47 -29.30 15.13
C ARG A 273 -7.85 -28.33 16.22
N MET A 274 -8.91 -27.55 15.99
CA MET A 274 -9.48 -26.77 17.06
C MET A 274 -10.07 -27.69 18.11
N THR A 275 -10.31 -27.13 19.30
CA THR A 275 -10.83 -27.93 20.40
C THR A 275 -12.23 -28.46 20.09
N SER A 276 -12.94 -27.85 19.15
CA SER A 276 -14.26 -28.30 18.74
C SER A 276 -14.59 -27.68 17.39
N GLY A 277 -15.28 -28.44 16.54
CA GLY A 277 -15.66 -27.91 15.24
C GLY A 277 -16.57 -26.71 15.35
N ARG A 278 -16.50 -25.85 14.33
CA ARG A 278 -17.20 -24.58 14.32
C ARG A 278 -17.00 -23.89 12.99
N SER A 279 -17.98 -23.07 12.60
CA SER A 279 -17.91 -22.23 11.42
C SER A 279 -18.14 -20.79 11.85
N GLY A 280 -18.03 -19.87 10.89
CA GLY A 280 -18.34 -18.47 11.12
C GLY A 280 -17.58 -17.81 12.24
N VAL A 281 -16.29 -18.12 12.37
CA VAL A 281 -15.44 -17.52 13.40
C VAL A 281 -14.86 -16.21 12.88
N GLY A 282 -14.36 -15.40 13.82
CA GLY A 282 -13.50 -14.27 13.49
C GLY A 282 -12.08 -14.59 13.89
N VAL A 283 -11.17 -14.50 12.94
CA VAL A 283 -9.77 -14.86 13.17
C VAL A 283 -8.88 -13.63 12.96
N ALA A 284 -7.84 -13.52 13.79
CA ALA A 284 -6.83 -12.48 13.60
C ALA A 284 -5.59 -12.89 14.40
N VAL A 285 -4.49 -12.16 14.17
CA VAL A 285 -3.20 -12.47 14.78
C VAL A 285 -2.74 -11.28 15.60
N THR A 286 -2.35 -11.52 16.84
CA THR A 286 -1.88 -10.46 17.72
C THR A 286 -0.97 -10.99 18.81
N MET A 287 -0.53 -10.11 19.70
CA MET A 287 0.35 -10.49 20.79
C MET A 287 -0.23 -11.63 21.61
N GLU A 288 0.53 -12.48 21.99
CA GLU A 288 0.13 -13.57 22.90
C GLU A 288 -0.21 -13.04 24.28
N PRO A 289 -1.23 -13.63 24.92
CA PRO A 289 -1.66 -13.20 26.26
C PRO A 289 -0.56 -13.40 27.30
N SER A 290 -0.49 -12.50 28.27
CA SER A 290 0.52 -12.59 29.33
C SER A 290 0.16 -13.66 30.35
N ARG A 291 1.15 -13.98 31.20
CA ARG A 291 1.19 -14.91 32.32
C ARG A 291 0.57 -16.26 31.97
N LEU B 4 9.82 12.23 9.15
CA LEU B 4 10.34 13.50 8.67
C LEU B 4 10.54 13.47 7.15
N ILE B 5 10.47 14.63 6.53
CA ILE B 5 10.74 14.77 5.10
C ILE B 5 12.15 15.35 4.93
N TYR B 6 13.08 14.52 4.48
CA TYR B 6 14.47 14.93 4.29
C TYR B 6 14.67 15.39 2.85
N THR B 7 15.20 16.60 2.71
CA THR B 7 15.67 17.14 1.42
C THR B 7 17.18 17.27 1.46
N ALA B 8 17.82 16.83 0.38
CA ALA B 8 19.27 16.75 0.27
C ALA B 8 19.70 17.39 -1.04
N GLY B 9 20.73 18.23 -0.98
CA GLY B 9 21.22 18.89 -2.17
C GLY B 9 20.22 19.88 -2.75
N GLY B 10 20.17 19.97 -4.07
CA GLY B 10 19.27 20.88 -4.75
C GLY B 10 19.99 21.85 -5.65
N TYR B 11 19.36 22.99 -5.94
CA TYR B 11 19.96 24.01 -6.79
C TYR B 11 19.58 25.43 -6.36
N PHE B 12 20.60 26.27 -6.24
CA PHE B 12 20.45 27.67 -5.85
C PHE B 12 21.72 28.39 -6.27
N ARG B 13 21.84 28.63 -7.58
CA ARG B 13 22.97 29.28 -8.25
C ARG B 13 24.28 28.50 -8.20
N GLN B 14 24.30 27.40 -7.44
CA GLN B 14 25.48 26.55 -7.34
C GLN B 14 25.09 25.08 -7.25
N SER B 15 25.32 24.47 -6.09
CA SER B 15 25.00 23.06 -5.88
C SER B 15 24.43 22.81 -4.50
N LEU B 16 24.99 23.51 -3.50
CA LEU B 16 24.61 23.43 -2.08
C LEU B 16 24.03 22.11 -1.57
N SER B 17 24.90 21.14 -1.33
CA SER B 17 24.47 19.83 -0.84
C SER B 17 24.16 19.87 0.65
N TYR B 18 22.89 20.04 0.97
CA TYR B 18 22.44 20.10 2.37
C TYR B 18 21.44 19.00 2.69
N LEU B 19 21.28 18.72 3.98
CA LEU B 19 20.34 17.71 4.45
C LEU B 19 19.41 18.24 5.54
N GLU B 20 18.33 18.87 5.13
CA GLU B 20 17.36 19.43 6.06
C GLU B 20 16.12 18.56 6.12
N ALA B 21 15.45 18.58 7.27
CA ALA B 21 14.31 17.71 7.51
C ALA B 21 13.13 18.52 8.02
N TYR B 22 11.99 18.36 7.37
CA TYR B 22 10.76 19.07 7.72
C TYR B 22 9.79 18.14 8.43
N ASN B 23 9.18 18.66 9.49
CA ASN B 23 8.18 17.94 10.27
C ASN B 23 6.80 18.56 10.05
N PRO B 24 5.88 17.88 9.37
CA PRO B 24 4.56 18.49 9.08
C PRO B 24 3.70 18.72 10.32
N SER B 25 4.05 18.16 11.48
CA SER B 25 3.29 18.44 12.68
C SER B 25 3.72 19.77 13.31
N ASP B 26 5.02 19.90 13.62
CA ASP B 26 5.51 21.15 14.19
C ASP B 26 5.57 22.26 13.16
N GLY B 27 5.77 21.91 11.88
CA GLY B 27 6.23 22.88 10.92
C GLY B 27 7.69 23.27 11.06
N THR B 28 8.45 22.57 11.89
CA THR B 28 9.83 22.90 12.18
C THR B 28 10.76 22.37 11.10
N TRP B 29 11.92 23.01 10.96
CA TRP B 29 12.99 22.56 10.08
C TRP B 29 14.23 22.22 10.90
N LEU B 30 14.78 21.03 10.68
CA LEU B 30 16.02 20.59 11.29
C LEU B 30 17.13 20.68 10.24
N ARG B 31 18.25 21.32 10.58
CA ARG B 31 19.43 21.35 9.73
C ARG B 31 20.38 20.25 10.19
N LEU B 32 20.68 19.31 9.30
CA LEU B 32 21.44 18.12 9.63
C LEU B 32 22.82 18.14 8.98
N ALA B 33 23.48 16.98 9.01
CA ALA B 33 24.84 16.87 8.51
C ALA B 33 24.91 17.16 7.02
N ASP B 34 25.83 18.03 6.64
CA ASP B 34 26.04 18.35 5.23
C ASP B 34 26.40 17.10 4.43
N LEU B 35 25.97 17.08 3.17
CA LEU B 35 26.49 16.11 2.22
C LEU B 35 28.00 16.24 2.12
N GLN B 36 28.66 15.10 1.88
CA GLN B 36 30.11 15.12 1.72
C GLN B 36 30.50 15.92 0.47
N VAL B 37 29.69 15.85 -0.57
CA VAL B 37 29.93 16.55 -1.83
C VAL B 37 28.65 17.26 -2.24
N PRO B 38 28.70 18.56 -2.58
CA PRO B 38 27.50 19.24 -3.06
C PRO B 38 27.01 18.63 -4.38
N ARG B 39 25.69 18.50 -4.50
CA ARG B 39 25.12 17.90 -5.70
C ARG B 39 23.70 18.40 -5.89
N SER B 40 23.37 18.70 -7.14
CA SER B 40 22.00 18.99 -7.55
C SER B 40 21.60 18.00 -8.64
N GLY B 41 20.30 17.90 -8.89
CA GLY B 41 19.84 16.90 -9.84
C GLY B 41 19.98 15.48 -9.34
N LEU B 42 20.11 15.31 -8.03
CA LEU B 42 20.22 14.01 -7.39
C LEU B 42 18.83 13.49 -7.03
N ALA B 43 18.78 12.24 -6.58
CA ALA B 43 17.54 11.66 -6.09
C ALA B 43 17.77 11.10 -4.69
N GLY B 44 16.70 11.03 -3.91
CA GLY B 44 16.77 10.46 -2.58
C GLY B 44 15.77 9.33 -2.42
N CYS B 45 16.12 8.38 -1.56
CA CYS B 45 15.21 7.29 -1.23
C CYS B 45 15.58 6.76 0.14
N VAL B 46 14.75 5.87 0.67
CA VAL B 46 14.98 5.28 1.98
C VAL B 46 14.86 3.77 1.90
N VAL B 47 15.85 3.06 2.44
CA VAL B 47 15.80 1.61 2.60
C VAL B 47 16.30 1.26 3.99
N GLY B 48 15.52 0.46 4.70
CA GLY B 48 15.87 0.09 6.07
C GLY B 48 16.14 1.28 6.97
N GLY B 49 15.37 2.35 6.80
CA GLY B 49 15.57 3.56 7.57
C GLY B 49 16.77 4.39 7.15
N LEU B 50 17.67 3.85 6.34
CA LEU B 50 18.82 4.60 5.86
C LEU B 50 18.42 5.41 4.64
N LEU B 51 18.87 6.66 4.59
CA LEU B 51 18.51 7.58 3.52
C LEU B 51 19.64 7.64 2.50
N TYR B 52 19.34 7.29 1.26
CA TYR B 52 20.36 7.26 0.22
C TYR B 52 20.18 8.46 -0.71
N ALA B 53 21.30 9.14 -0.98
CA ALA B 53 21.40 10.17 -2.00
C ALA B 53 22.14 9.57 -3.19
N VAL B 54 21.54 9.67 -4.37
CA VAL B 54 21.96 8.95 -5.56
C VAL B 54 22.19 9.95 -6.68
N GLY B 55 23.36 9.84 -7.31
CA GLY B 55 23.66 10.57 -8.53
C GLY B 55 23.72 12.07 -8.32
N GLY B 56 23.41 12.80 -9.38
CA GLY B 56 23.46 14.24 -9.36
C GLY B 56 24.70 14.79 -10.03
N ARG B 57 25.01 16.04 -9.70
CA ARG B 57 26.14 16.72 -10.29
C ARG B 57 26.54 17.88 -9.38
N ASN B 58 27.85 18.08 -9.24
CA ASN B 58 28.41 19.22 -8.52
C ASN B 58 28.70 20.30 -9.56
N ASN B 59 27.80 21.28 -9.64
CA ASN B 59 27.95 22.47 -10.47
C ASN B 59 28.55 23.57 -9.60
N SER B 60 29.84 23.82 -9.76
CA SER B 60 30.61 24.75 -8.94
C SER B 60 31.42 25.70 -9.80
N PRO B 61 31.82 26.86 -9.25
CA PRO B 61 32.69 27.79 -9.99
C PRO B 61 33.89 27.13 -10.65
N ASP B 62 34.27 25.95 -10.16
CA ASP B 62 35.49 25.27 -10.58
C ASP B 62 35.21 23.95 -11.28
N GLY B 63 33.96 23.57 -11.47
CA GLY B 63 33.70 22.26 -12.03
C GLY B 63 32.23 22.04 -12.31
N ASN B 64 31.97 20.94 -13.00
CA ASN B 64 30.62 20.49 -13.28
C ASN B 64 30.73 18.98 -13.42
N THR B 65 30.77 18.31 -12.27
CA THR B 65 31.11 16.89 -12.23
C THR B 65 29.84 16.10 -11.97
N ASP B 66 29.46 15.29 -12.96
CA ASP B 66 28.37 14.33 -12.76
C ASP B 66 28.79 13.30 -11.73
N SER B 67 27.81 12.69 -11.09
CA SER B 67 28.05 11.84 -9.94
C SER B 67 27.58 10.42 -10.21
N SER B 68 28.47 9.46 -9.94
CA SER B 68 28.11 8.06 -9.86
C SER B 68 27.97 7.62 -8.41
N ALA B 69 28.02 8.58 -7.49
CA ALA B 69 28.13 8.28 -6.07
C ALA B 69 26.79 7.85 -5.50
N LEU B 70 26.87 6.97 -4.52
CA LEU B 70 25.73 6.58 -3.70
C LEU B 70 26.15 6.83 -2.25
N ASP B 71 25.37 7.62 -1.52
CA ASP B 71 25.74 7.95 -0.15
C ASP B 71 24.58 7.65 0.80
N CYS B 72 24.94 7.29 2.02
CA CYS B 72 24.04 6.70 3.00
C CYS B 72 24.06 7.53 4.27
N TYR B 73 22.88 8.00 4.68
CA TYR B 73 22.72 8.84 5.86
C TYR B 73 21.97 8.04 6.91
N ASN B 74 22.47 8.07 8.15
CA ASN B 74 21.83 7.36 9.25
C ASN B 74 21.15 8.38 10.14
N PRO B 75 19.81 8.36 10.24
CA PRO B 75 19.10 9.46 10.92
C PRO B 75 19.37 9.57 12.42
N MET B 76 19.88 8.53 13.08
CA MET B 76 20.16 8.61 14.50
C MET B 76 21.63 8.83 14.83
N THR B 77 22.53 8.75 13.84
CA THR B 77 23.93 9.10 14.05
C THR B 77 24.30 10.46 13.46
N ASN B 78 23.44 11.03 12.61
CA ASN B 78 23.78 12.20 11.81
C ASN B 78 25.11 12.01 11.10
N GLN B 79 25.30 10.84 10.50
CA GLN B 79 26.51 10.56 9.74
C GLN B 79 26.16 10.09 8.34
N TRP B 80 26.94 10.58 7.37
CA TRP B 80 26.96 10.09 6.00
C TRP B 80 28.08 9.08 5.83
N SER B 81 27.89 8.16 4.88
CA SER B 81 28.87 7.13 4.59
C SER B 81 28.82 6.78 3.11
N PRO B 82 29.96 6.60 2.47
CA PRO B 82 29.95 6.27 1.05
C PRO B 82 29.58 4.81 0.83
N CYS B 83 28.90 4.56 -0.29
CA CYS B 83 28.60 3.21 -0.75
C CYS B 83 29.28 3.00 -2.09
N ALA B 84 29.17 1.78 -2.60
CA ALA B 84 29.73 1.48 -3.92
C ALA B 84 29.12 2.40 -4.97
N PRO B 85 29.91 2.90 -5.91
CA PRO B 85 29.37 3.80 -6.93
C PRO B 85 28.68 3.02 -8.05
N MET B 86 27.85 3.74 -8.78
CA MET B 86 27.16 3.15 -9.92
C MET B 86 28.14 2.95 -11.08
N SER B 87 27.71 2.16 -12.06
CA SER B 87 28.52 1.93 -13.24
C SER B 87 28.82 3.23 -13.99
N VAL B 88 27.88 4.18 -13.97
CA VAL B 88 28.04 5.44 -14.68
C VAL B 88 27.58 6.59 -13.78
N PRO B 89 28.09 7.79 -14.02
CA PRO B 89 27.51 8.98 -13.38
C PRO B 89 26.13 9.27 -13.96
N ARG B 90 25.22 9.73 -13.10
CA ARG B 90 23.83 9.95 -13.51
C ARG B 90 23.34 11.28 -12.94
N ASN B 91 23.42 12.34 -13.73
CA ASN B 91 22.83 13.61 -13.38
C ASN B 91 21.36 13.67 -13.80
N ARG B 92 20.54 14.30 -12.97
CA ARG B 92 19.08 14.34 -13.20
C ARG B 92 18.54 12.92 -13.30
N ILE B 93 18.80 12.17 -12.25
CA ILE B 93 18.51 10.74 -12.16
C ILE B 93 17.10 10.54 -11.60
N GLY B 94 16.56 9.34 -11.80
CA GLY B 94 15.39 8.90 -11.09
C GLY B 94 15.70 7.66 -10.28
N VAL B 95 15.02 7.51 -9.15
CA VAL B 95 15.28 6.37 -8.28
C VAL B 95 13.97 5.75 -7.80
N GLY B 96 13.97 4.41 -7.72
CA GLY B 96 12.87 3.68 -7.14
C GLY B 96 13.39 2.51 -6.33
N VAL B 97 12.56 1.99 -5.45
CA VAL B 97 12.96 0.89 -4.56
C VAL B 97 12.02 -0.28 -4.76
N ILE B 98 12.57 -1.45 -5.04
CA ILE B 98 11.80 -2.69 -5.14
C ILE B 98 12.56 -3.82 -4.46
N ASP B 99 11.88 -4.51 -3.53
CA ASP B 99 12.44 -5.68 -2.85
C ASP B 99 13.70 -5.30 -2.08
N GLY B 100 13.69 -4.11 -1.49
CA GLY B 100 14.87 -3.64 -0.79
C GLY B 100 16.06 -3.34 -1.66
N HIS B 101 15.87 -3.24 -2.98
CA HIS B 101 16.93 -2.94 -3.93
C HIS B 101 16.68 -1.58 -4.58
N ILE B 102 17.78 -0.89 -4.86
CA ILE B 102 17.75 0.49 -5.38
C ILE B 102 17.84 0.45 -6.90
N TYR B 103 16.83 0.95 -7.59
CA TYR B 103 16.89 1.10 -9.04
C TYR B 103 17.25 2.55 -9.35
N ALA B 104 18.41 2.72 -10.00
CA ALA B 104 18.85 4.01 -10.53
C ALA B 104 18.54 4.03 -12.01
N VAL B 105 17.82 5.07 -12.45
CA VAL B 105 17.13 5.12 -13.72
C VAL B 105 17.58 6.35 -14.47
N GLY B 106 18.08 6.15 -15.68
CA GLY B 106 18.30 7.25 -16.60
C GLY B 106 19.38 8.20 -16.13
N GLY B 107 19.14 9.48 -16.33
CA GLY B 107 20.13 10.49 -16.01
C GLY B 107 21.11 10.67 -17.14
N SER B 108 22.03 11.60 -16.93
CA SER B 108 23.01 11.94 -17.95
C SER B 108 24.42 11.93 -17.38
N HIS B 109 25.38 11.75 -18.29
CA HIS B 109 26.80 11.90 -18.01
C HIS B 109 27.36 12.65 -19.22
N GLY B 110 27.62 13.95 -19.05
CA GLY B 110 27.96 14.77 -20.19
C GLY B 110 26.86 14.76 -21.22
N CYS B 111 27.25 14.69 -22.50
CA CYS B 111 26.29 14.58 -23.58
C CYS B 111 25.53 13.25 -23.61
N ILE B 112 25.92 12.28 -22.78
CA ILE B 112 25.33 10.95 -22.84
C ILE B 112 24.06 10.94 -22.00
N HIS B 113 22.93 10.58 -22.63
CA HIS B 113 21.66 10.46 -21.94
C HIS B 113 21.34 8.97 -21.80
N HIS B 114 21.35 8.48 -20.56
CA HIS B 114 21.22 7.05 -20.32
C HIS B 114 19.79 6.57 -20.54
N ASN B 115 19.65 5.41 -21.17
CA ASN B 115 18.48 4.56 -20.98
C ASN B 115 18.79 3.40 -20.06
N SER B 116 20.06 3.24 -19.69
CA SER B 116 20.47 2.17 -18.79
C SER B 116 19.89 2.36 -17.40
N VAL B 117 19.66 1.24 -16.72
CA VAL B 117 19.13 1.18 -15.36
C VAL B 117 19.97 0.18 -14.59
N GLU B 118 20.24 0.48 -13.32
CA GLU B 118 20.99 -0.50 -12.53
C GLU B 118 20.40 -0.64 -11.13
N ARG B 119 20.72 -1.78 -10.52
CA ARG B 119 20.13 -2.22 -9.27
C ARG B 119 21.23 -2.35 -8.22
N TYR B 120 21.01 -1.76 -7.06
CA TYR B 120 21.93 -1.79 -5.95
C TYR B 120 21.37 -2.69 -4.85
N GLU B 121 22.23 -3.55 -4.31
CA GLU B 121 21.90 -4.47 -3.24
C GLU B 121 22.54 -3.98 -1.94
N PRO B 122 21.77 -3.43 -1.01
CA PRO B 122 22.38 -2.91 0.23
C PRO B 122 23.17 -3.94 1.01
N GLU B 123 22.77 -5.21 1.00
CA GLU B 123 23.46 -6.24 1.76
C GLU B 123 24.56 -6.93 0.98
N ARG B 124 24.78 -6.55 -0.28
CA ARG B 124 25.99 -6.92 -0.99
C ARG B 124 26.83 -5.73 -1.42
N ASP B 125 26.34 -4.50 -1.22
CA ASP B 125 27.02 -3.28 -1.68
C ASP B 125 27.50 -3.44 -3.12
N GLU B 126 26.58 -3.79 -4.00
CA GLU B 126 26.90 -4.08 -5.39
C GLU B 126 25.82 -3.52 -6.31
N TRP B 127 26.25 -2.96 -7.44
CA TRP B 127 25.37 -2.55 -8.51
C TRP B 127 25.47 -3.55 -9.66
N HIS B 128 24.34 -3.77 -10.32
CA HIS B 128 24.33 -4.60 -11.53
C HIS B 128 23.37 -4.00 -12.54
N LEU B 129 23.76 -4.03 -13.80
CA LEU B 129 22.92 -3.52 -14.86
C LEU B 129 21.73 -4.44 -15.07
N VAL B 130 20.55 -3.84 -15.29
CA VAL B 130 19.36 -4.58 -15.64
C VAL B 130 18.95 -4.16 -17.05
N ALA B 131 17.80 -4.62 -17.51
CA ALA B 131 17.33 -4.26 -18.83
C ALA B 131 17.29 -2.74 -18.99
N PRO B 132 17.79 -2.21 -20.09
CA PRO B 132 17.67 -0.76 -20.33
C PRO B 132 16.26 -0.38 -20.73
N MET B 133 15.93 0.87 -20.45
CA MET B 133 14.61 1.37 -20.80
C MET B 133 14.45 1.45 -22.31
N LEU B 134 13.20 1.59 -22.74
CA LEU B 134 12.92 1.83 -24.15
C LEU B 134 13.36 3.22 -24.58
N THR B 135 13.52 4.14 -23.64
CA THR B 135 13.79 5.54 -23.93
C THR B 135 14.92 6.04 -23.05
N ARG B 136 15.79 6.85 -23.62
CA ARG B 136 16.76 7.59 -22.82
C ARG B 136 16.03 8.70 -22.08
N ARG B 137 16.27 8.81 -20.77
CA ARG B 137 15.48 9.72 -19.93
C ARG B 137 16.38 10.35 -18.89
N ILE B 138 16.59 11.66 -19.00
CA ILE B 138 17.13 12.45 -17.92
C ILE B 138 16.03 13.40 -17.46
N GLY B 139 16.11 13.83 -16.21
CA GLY B 139 14.99 14.52 -15.60
C GLY B 139 13.74 13.67 -15.50
N VAL B 140 13.91 12.36 -15.34
CA VAL B 140 12.80 11.41 -15.32
C VAL B 140 12.26 11.31 -13.90
N GLY B 141 10.94 11.20 -13.77
CA GLY B 141 10.32 10.90 -12.50
C GLY B 141 10.14 9.39 -12.37
N VAL B 142 10.40 8.87 -11.17
CA VAL B 142 10.35 7.44 -10.95
C VAL B 142 9.46 7.14 -9.77
N ALA B 143 8.63 6.10 -9.91
CA ALA B 143 7.70 5.71 -8.88
C ALA B 143 7.60 4.19 -8.87
N VAL B 144 7.17 3.62 -7.75
CA VAL B 144 7.07 2.18 -7.60
C VAL B 144 5.63 1.84 -7.19
N LEU B 145 5.02 0.91 -7.94
CA LEU B 145 3.65 0.50 -7.65
C LEU B 145 3.49 -1.00 -7.91
N ASN B 146 2.98 -1.71 -6.90
CA ASN B 146 2.78 -3.16 -6.99
C ASN B 146 4.04 -3.86 -7.44
N ARG B 147 5.18 -3.41 -6.91
CA ARG B 147 6.50 -3.98 -7.19
C ARG B 147 6.85 -3.90 -8.67
N LEU B 148 6.26 -2.96 -9.40
CA LEU B 148 6.65 -2.62 -10.76
C LEU B 148 7.17 -1.19 -10.78
N LEU B 149 8.12 -0.91 -11.67
CA LEU B 149 8.87 0.34 -11.63
C LEU B 149 8.44 1.24 -12.78
N TYR B 150 7.98 2.45 -12.48
CA TYR B 150 7.50 3.38 -13.49
C TYR B 150 8.47 4.53 -13.68
N ALA B 151 8.84 4.79 -14.93
CA ALA B 151 9.62 5.96 -15.30
C ALA B 151 8.77 6.85 -16.20
N VAL B 152 8.69 8.13 -15.83
CA VAL B 152 7.68 9.06 -16.33
C VAL B 152 8.38 10.32 -16.83
N GLY B 153 8.14 10.68 -18.09
CA GLY B 153 8.63 11.91 -18.66
C GLY B 153 10.14 11.92 -18.83
N GLY B 154 10.70 13.12 -18.84
CA GLY B 154 12.12 13.31 -18.99
C GLY B 154 12.51 13.88 -20.34
N PHE B 155 13.78 13.68 -20.68
CA PHE B 155 14.40 14.29 -21.84
C PHE B 155 15.39 13.29 -22.43
N ASP B 156 15.25 12.98 -23.72
CA ASP B 156 16.10 11.98 -24.35
C ASP B 156 17.35 12.56 -24.99
N GLY B 157 17.61 13.85 -24.78
CA GLY B 157 18.66 14.56 -25.46
C GLY B 157 18.19 15.42 -26.62
N THR B 158 17.01 15.12 -27.17
CA THR B 158 16.45 15.86 -28.28
C THR B 158 15.00 16.26 -28.01
N ASN B 159 14.19 15.32 -27.53
CA ASN B 159 12.78 15.59 -27.26
C ASN B 159 12.51 15.46 -25.77
N ARG B 160 11.67 16.37 -25.28
CA ARG B 160 11.05 16.19 -23.98
C ARG B 160 9.88 15.22 -24.12
N LEU B 161 9.57 14.51 -23.05
CA LEU B 161 8.74 13.33 -23.14
C LEU B 161 7.48 13.47 -22.30
N ASN B 162 6.37 12.99 -22.86
CA ASN B 162 5.16 12.70 -22.09
C ASN B 162 4.94 11.21 -21.92
N SER B 163 5.76 10.39 -22.54
CA SER B 163 5.65 8.94 -22.42
C SER B 163 6.00 8.48 -21.02
N ALA B 164 5.49 7.31 -20.66
CA ALA B 164 5.87 6.63 -19.43
C ALA B 164 6.01 5.15 -19.74
N GLU B 165 6.90 4.49 -19.01
CA GLU B 165 7.08 3.06 -19.21
C GLU B 165 7.25 2.36 -17.87
N CYS B 166 7.01 1.06 -17.89
CA CYS B 166 6.94 0.25 -16.68
C CYS B 166 7.87 -0.95 -16.83
N TYR B 167 8.71 -1.15 -15.83
CA TYR B 167 9.68 -2.23 -15.77
C TYR B 167 9.11 -3.33 -14.90
N TYR B 168 9.16 -4.55 -15.44
CA TYR B 168 8.72 -5.74 -14.73
C TYR B 168 9.93 -6.48 -14.21
N PRO B 169 10.17 -6.48 -12.89
CA PRO B 169 11.40 -7.10 -12.37
C PRO B 169 11.51 -8.58 -12.67
N GLU B 170 10.39 -9.29 -12.76
CA GLU B 170 10.43 -10.74 -12.89
C GLU B 170 10.76 -11.19 -14.30
N ARG B 171 10.52 -10.35 -15.31
CA ARG B 171 10.88 -10.69 -16.68
C ARG B 171 12.02 -9.83 -17.22
N ASN B 172 12.44 -8.80 -16.49
CA ASN B 172 13.56 -7.95 -16.89
C ASN B 172 13.29 -7.30 -18.25
N GLU B 173 12.14 -6.63 -18.33
CA GLU B 173 11.78 -5.94 -19.56
C GLU B 173 10.90 -4.74 -19.24
N TRP B 174 10.94 -3.77 -20.15
CA TRP B 174 10.15 -2.55 -20.07
C TRP B 174 9.02 -2.60 -21.09
N ARG B 175 7.86 -2.06 -20.72
CA ARG B 175 6.75 -1.90 -21.64
C ARG B 175 6.19 -0.50 -21.51
N MET B 176 5.94 0.14 -22.65
CA MET B 176 5.33 1.46 -22.66
C MET B 176 3.90 1.39 -22.13
N ILE B 177 3.48 2.42 -21.41
CA ILE B 177 2.10 2.55 -20.98
C ILE B 177 1.50 3.79 -21.63
N THR B 178 0.28 4.15 -21.24
CA THR B 178 -0.34 5.36 -21.75
C THR B 178 0.50 6.58 -21.39
N ALA B 179 0.70 7.45 -22.36
CA ALA B 179 1.49 8.66 -22.14
C ALA B 179 0.66 9.70 -21.40
N MET B 180 1.36 10.58 -20.70
CA MET B 180 0.69 11.70 -20.02
C MET B 180 0.03 12.61 -21.05
N ASN B 181 -0.89 13.43 -20.57
CA ASN B 181 -1.45 14.48 -21.43
C ASN B 181 -0.41 15.54 -21.76
N THR B 182 0.51 15.82 -20.83
CA THR B 182 1.46 16.91 -20.97
C THR B 182 2.88 16.36 -21.00
N ILE B 183 3.70 16.94 -21.88
CA ILE B 183 5.12 16.64 -21.92
C ILE B 183 5.80 17.25 -20.70
N ARG B 184 6.56 16.46 -19.97
CA ARG B 184 7.20 16.93 -18.74
C ARG B 184 8.61 16.36 -18.63
N SER B 185 9.59 17.25 -18.53
CA SER B 185 10.91 16.92 -18.05
C SER B 185 11.12 17.62 -16.71
N GLY B 186 11.80 16.96 -15.79
CA GLY B 186 11.99 17.54 -14.46
C GLY B 186 10.71 17.73 -13.68
N ALA B 187 9.74 16.84 -13.85
CA ALA B 187 8.54 16.81 -13.04
C ALA B 187 8.79 16.05 -11.72
N GLY B 188 7.89 16.27 -10.77
CA GLY B 188 7.88 15.48 -9.55
C GLY B 188 6.88 14.34 -9.64
N VAL B 189 7.32 13.10 -9.44
CA VAL B 189 6.49 11.92 -9.67
C VAL B 189 6.51 11.04 -8.43
N CYS B 190 5.32 10.65 -7.96
CA CYS B 190 5.18 9.85 -6.75
C CYS B 190 4.02 8.88 -6.90
N VAL B 191 3.87 7.96 -5.96
CA VAL B 191 2.80 6.98 -6.00
C VAL B 191 1.90 7.07 -4.76
N LEU B 192 0.66 7.50 -4.98
CA LEU B 192 -0.29 7.63 -3.89
C LEU B 192 -1.36 6.54 -3.96
N HIS B 193 -1.60 5.89 -2.82
CA HIS B 193 -2.58 4.81 -2.73
C HIS B 193 -2.42 3.76 -3.83
N ASN B 194 -3.11 3.99 -4.94
CA ASN B 194 -3.04 3.07 -6.08
C ASN B 194 -2.98 3.84 -7.39
N CYS B 195 -2.39 5.04 -7.34
CA CYS B 195 -2.27 5.88 -8.53
C CYS B 195 -0.93 6.60 -8.55
N ILE B 196 -0.51 7.00 -9.75
CA ILE B 196 0.76 7.71 -9.93
C ILE B 196 0.52 9.17 -10.24
N TYR B 197 1.22 10.06 -9.52
CA TYR B 197 1.07 11.49 -9.73
C TYR B 197 2.33 12.06 -10.38
N ALA B 198 2.13 12.95 -11.36
CA ALA B 198 3.19 13.70 -12.01
C ALA B 198 2.82 15.18 -11.97
N ALA B 199 3.69 15.99 -11.37
CA ALA B 199 3.40 17.38 -11.08
C ALA B 199 4.47 18.29 -11.65
N GLY B 200 4.05 19.34 -12.35
CA GLY B 200 4.98 20.35 -12.85
C GLY B 200 5.86 19.81 -13.96
N GLY B 201 7.05 20.38 -14.06
CA GLY B 201 8.01 20.02 -15.07
C GLY B 201 8.18 21.08 -16.13
N TYR B 202 8.84 20.68 -17.22
CA TYR B 202 9.20 21.58 -18.31
C TYR B 202 8.97 20.86 -19.63
N ASP B 203 8.23 21.51 -20.53
CA ASP B 203 7.85 20.89 -21.80
C ASP B 203 8.64 21.40 -23.00
N GLY B 204 9.74 22.12 -22.76
CA GLY B 204 10.49 22.74 -23.83
C GLY B 204 10.12 24.18 -24.12
N GLN B 205 9.03 24.67 -23.56
CA GLN B 205 8.65 26.07 -23.70
C GLN B 205 8.38 26.75 -22.37
N ASP B 206 7.70 26.07 -21.44
CA ASP B 206 7.28 26.69 -20.19
C ASP B 206 7.47 25.71 -19.04
N GLN B 207 7.74 26.25 -17.86
CA GLN B 207 7.55 25.48 -16.64
C GLN B 207 6.06 25.35 -16.35
N LEU B 208 5.69 24.25 -15.69
CA LEU B 208 4.30 23.88 -15.55
C LEU B 208 3.89 23.89 -14.09
N ASN B 209 2.64 24.26 -13.85
CA ASN B 209 1.99 24.03 -12.56
C ASN B 209 0.95 22.93 -12.63
N SER B 210 0.68 22.41 -13.83
CA SER B 210 -0.30 21.36 -14.00
C SER B 210 0.14 20.08 -13.31
N VAL B 211 -0.85 19.33 -12.81
CA VAL B 211 -0.63 18.05 -12.15
C VAL B 211 -1.61 17.04 -12.75
N GLU B 212 -1.10 15.84 -13.06
CA GLU B 212 -1.97 14.79 -13.55
C GLU B 212 -1.66 13.48 -12.83
N ARG B 213 -2.68 12.62 -12.78
CA ARG B 213 -2.65 11.37 -12.06
C ARG B 213 -2.98 10.22 -12.99
N TYR B 214 -2.20 9.15 -12.89
CA TYR B 214 -2.40 7.95 -13.67
C TYR B 214 -3.15 6.95 -12.79
N ASP B 215 -4.28 6.48 -13.30
CA ASP B 215 -5.06 5.41 -12.70
C ASP B 215 -4.70 4.13 -13.42
N VAL B 216 -4.14 3.19 -12.68
CA VAL B 216 -3.64 1.94 -13.25
C VAL B 216 -4.80 1.05 -13.67
N ALA B 217 -5.90 1.05 -12.90
CA ALA B 217 -7.03 0.18 -13.21
C ALA B 217 -7.65 0.53 -14.55
N THR B 218 -7.70 1.81 -14.89
CA THR B 218 -8.25 2.27 -16.17
C THR B 218 -7.17 2.65 -17.17
N ALA B 219 -5.90 2.61 -16.77
CA ALA B 219 -4.80 3.06 -17.61
C ALA B 219 -5.07 4.46 -18.17
N THR B 220 -5.40 5.39 -17.28
CA THR B 220 -5.85 6.70 -17.74
C THR B 220 -5.17 7.81 -16.95
N TRP B 221 -4.79 8.88 -17.65
CA TRP B 221 -4.24 10.07 -17.03
C TRP B 221 -5.32 11.13 -16.91
N THR B 222 -5.45 11.72 -15.73
CA THR B 222 -6.47 12.73 -15.44
C THR B 222 -5.81 13.91 -14.76
N PHE B 223 -6.10 15.12 -15.24
CA PHE B 223 -5.63 16.30 -14.54
C PHE B 223 -6.33 16.44 -13.20
N VAL B 224 -5.59 16.89 -12.19
CA VAL B 224 -6.18 17.28 -10.91
C VAL B 224 -5.88 18.76 -10.70
N ALA B 225 -6.12 19.25 -9.49
CA ALA B 225 -5.88 20.66 -9.21
C ALA B 225 -4.44 21.02 -9.54
N PRO B 226 -4.20 22.13 -10.22
CA PRO B 226 -2.83 22.58 -10.48
C PRO B 226 -2.20 23.18 -9.23
N MET B 227 -0.88 23.34 -9.30
CA MET B 227 -0.13 23.96 -8.23
C MET B 227 -0.33 25.47 -8.23
N LYS B 228 -0.09 26.09 -7.08
CA LYS B 228 -0.03 27.54 -7.00
C LYS B 228 1.09 28.10 -7.88
N HIS B 229 2.28 27.52 -7.79
CA HIS B 229 3.46 28.00 -8.48
C HIS B 229 3.98 26.99 -9.49
N ARG B 230 4.26 27.47 -10.69
CA ARG B 230 4.96 26.64 -11.68
C ARG B 230 6.33 26.25 -11.16
N ARG B 231 6.76 25.04 -11.52
CA ARG B 231 8.05 24.55 -11.06
C ARG B 231 8.50 23.31 -11.82
N SER B 232 9.76 23.31 -12.24
CA SER B 232 10.44 22.13 -12.74
C SER B 232 11.64 21.86 -11.85
N ALA B 233 12.13 20.62 -11.89
CA ALA B 233 13.23 20.18 -11.03
C ALA B 233 12.87 20.36 -9.56
N LEU B 234 11.62 20.06 -9.23
CA LEU B 234 11.12 20.10 -7.86
C LEU B 234 11.38 18.78 -7.15
N GLY B 235 11.46 18.86 -5.82
CA GLY B 235 11.45 17.66 -5.01
C GLY B 235 10.03 17.28 -4.65
N ILE B 236 9.80 15.99 -4.42
CA ILE B 236 8.46 15.50 -4.14
C ILE B 236 8.56 14.29 -3.22
N THR B 237 7.55 14.12 -2.37
CA THR B 237 7.47 12.91 -1.56
C THR B 237 6.03 12.73 -1.06
N VAL B 238 5.80 11.61 -0.39
CA VAL B 238 4.51 11.27 0.19
C VAL B 238 4.71 11.01 1.68
N HIS B 239 3.90 11.65 2.51
CA HIS B 239 3.90 11.43 3.95
C HIS B 239 2.46 11.35 4.44
N GLN B 240 2.15 10.25 5.12
CA GLN B 240 0.86 10.04 5.77
C GLN B 240 -0.29 10.35 4.80
N GLY B 241 -0.19 9.81 3.60
CA GLY B 241 -1.24 9.92 2.61
C GLY B 241 -1.31 11.23 1.85
N ARG B 242 -0.35 12.13 2.03
CA ARG B 242 -0.38 13.42 1.34
C ARG B 242 0.93 13.67 0.61
N ILE B 243 0.83 14.34 -0.55
CA ILE B 243 1.98 14.64 -1.39
C ILE B 243 2.51 16.03 -1.05
N TYR B 244 3.83 16.13 -0.94
CA TYR B 244 4.53 17.39 -0.71
C TYR B 244 5.52 17.65 -1.84
N VAL B 245 5.57 18.89 -2.32
CA VAL B 245 6.52 19.32 -3.33
C VAL B 245 7.33 20.51 -2.80
N LEU B 246 8.63 20.48 -3.07
CA LEU B 246 9.61 21.37 -2.46
C LEU B 246 10.42 22.05 -3.56
N GLY B 247 10.41 23.38 -3.57
CA GLY B 247 11.30 24.19 -4.39
C GLY B 247 11.08 24.00 -5.89
N GLY B 248 12.17 24.17 -6.63
CA GLY B 248 12.15 24.12 -8.08
C GLY B 248 12.40 25.49 -8.69
N TYR B 249 12.29 25.53 -10.03
CA TYR B 249 12.60 26.70 -10.83
C TYR B 249 11.43 26.99 -11.76
N ASP B 250 11.04 28.26 -11.84
CA ASP B 250 9.86 28.66 -12.60
C ASP B 250 10.18 29.57 -13.77
N GLY B 251 11.41 29.54 -14.26
CA GLY B 251 11.82 30.41 -15.34
C GLY B 251 12.43 31.72 -14.89
N HIS B 252 12.24 32.10 -13.62
CA HIS B 252 12.74 33.37 -13.12
C HIS B 252 13.48 33.20 -11.80
N THR B 253 12.92 32.42 -10.89
CA THR B 253 13.37 32.37 -9.51
C THR B 253 13.54 30.91 -9.08
N PHE B 254 14.48 30.69 -8.17
CA PHE B 254 14.61 29.42 -7.46
C PHE B 254 13.72 29.47 -6.22
N LEU B 255 12.62 28.72 -6.27
CA LEU B 255 11.59 28.79 -5.24
C LEU B 255 12.01 28.10 -3.95
N ASP B 256 11.46 28.58 -2.83
CA ASP B 256 11.52 27.84 -1.57
C ASP B 256 10.16 27.34 -1.12
N SER B 257 9.09 27.72 -1.81
CA SER B 257 7.74 27.25 -1.49
C SER B 257 7.70 25.74 -1.39
N VAL B 258 6.95 25.25 -0.39
CA VAL B 258 6.60 23.85 -0.26
C VAL B 258 5.08 23.78 -0.30
N GLU B 259 4.55 23.06 -1.28
CA GLU B 259 3.11 22.90 -1.41
C GLU B 259 2.69 21.49 -1.03
N CYS B 260 1.46 21.37 -0.56
CA CYS B 260 0.92 20.11 -0.07
C CYS B 260 -0.42 19.86 -0.74
N TYR B 261 -0.58 18.66 -1.30
CA TYR B 261 -1.80 18.27 -1.98
C TYR B 261 -2.67 17.46 -1.03
N ASP B 262 -3.93 17.85 -0.90
CA ASP B 262 -4.90 17.09 -0.15
C ASP B 262 -5.78 16.34 -1.13
N PRO B 263 -5.67 15.01 -1.22
CA PRO B 263 -6.44 14.27 -2.25
C PRO B 263 -7.93 14.21 -1.96
N ASP B 264 -8.37 14.49 -0.73
CA ASP B 264 -9.79 14.42 -0.44
C ASP B 264 -10.50 15.70 -0.84
N THR B 265 -9.81 16.83 -0.74
CA THR B 265 -10.34 18.12 -1.18
C THR B 265 -9.83 18.54 -2.55
N ASP B 266 -8.90 17.78 -3.14
CA ASP B 266 -8.21 18.18 -4.37
C ASP B 266 -7.72 19.62 -4.27
N THR B 267 -6.87 19.86 -3.26
CA THR B 267 -6.42 21.20 -2.92
C THR B 267 -4.92 21.20 -2.71
N TRP B 268 -4.24 22.17 -3.31
CA TRP B 268 -2.83 22.44 -3.04
C TRP B 268 -2.72 23.62 -2.08
N SER B 269 -1.75 23.56 -1.18
CA SER B 269 -1.58 24.58 -0.16
C SER B 269 -0.11 24.77 0.15
N GLU B 270 0.34 26.02 0.08
CA GLU B 270 1.66 26.38 0.61
C GLU B 270 1.69 26.17 2.11
N VAL B 271 2.51 25.23 2.56
CA VAL B 271 2.57 24.87 3.97
C VAL B 271 3.84 25.37 4.65
N THR B 272 4.94 25.51 3.92
CA THR B 272 6.21 25.90 4.52
C THR B 272 7.09 26.48 3.43
N ARG B 273 8.18 27.10 3.85
CA ARG B 273 9.27 27.46 2.95
C ARG B 273 10.55 26.79 3.43
N MET B 274 11.34 26.30 2.49
CA MET B 274 12.67 25.86 2.85
C MET B 274 13.51 27.06 3.30
N THR B 275 14.63 26.77 3.95
CA THR B 275 15.47 27.85 4.47
C THR B 275 16.03 28.72 3.35
N SER B 276 16.05 28.23 2.11
CA SER B 276 16.57 28.98 0.99
C SER B 276 16.03 28.36 -0.29
N GLY B 277 15.73 29.20 -1.28
CA GLY B 277 15.29 28.69 -2.56
C GLY B 277 16.36 27.82 -3.22
N ARG B 278 15.91 26.88 -4.04
CA ARG B 278 16.79 25.88 -4.64
C ARG B 278 15.95 24.98 -5.54
N SER B 279 16.62 24.41 -6.55
CA SER B 279 16.00 23.40 -7.42
C SER B 279 16.82 22.12 -7.38
N GLY B 280 16.33 21.09 -8.06
CA GLY B 280 17.04 19.82 -8.20
C GLY B 280 17.44 19.09 -6.93
N VAL B 281 16.55 19.06 -5.92
CA VAL B 281 16.82 18.37 -4.66
C VAL B 281 16.43 16.90 -4.76
N GLY B 282 16.96 16.11 -3.81
CA GLY B 282 16.49 14.76 -3.57
C GLY B 282 15.72 14.70 -2.26
N VAL B 283 14.48 14.22 -2.33
CA VAL B 283 13.58 14.18 -1.19
C VAL B 283 13.22 12.74 -0.86
N ALA B 284 13.10 12.44 0.44
CA ALA B 284 12.63 11.13 0.88
C ALA B 284 12.15 11.24 2.33
N VAL B 285 11.55 10.16 2.83
CA VAL B 285 10.97 10.14 4.17
C VAL B 285 11.57 8.98 4.98
N THR B 286 11.99 9.28 6.20
CA THR B 286 12.37 8.27 7.19
C THR B 286 12.41 8.89 8.58
N GLY C 1 22.05 26.95 -16.08
CA GLY C 1 22.05 27.46 -17.45
C GLY C 1 20.82 27.08 -18.23
N ASP C 2 20.46 25.79 -18.17
CA ASP C 2 19.30 25.30 -18.90
C ASP C 2 18.02 25.86 -18.27
N GLU C 3 16.90 25.57 -18.94
CA GLU C 3 15.60 26.07 -18.48
C GLU C 3 14.85 25.07 -17.61
N GLU C 4 15.23 23.79 -17.66
CA GLU C 4 14.54 22.79 -16.85
C GLU C 4 14.87 22.96 -15.37
N ALA C 5 16.09 23.37 -15.05
CA ALA C 5 16.53 23.50 -13.66
C ALA C 5 17.23 24.82 -13.34
N GLY C 6 17.54 25.65 -14.33
CA GLY C 6 18.20 26.89 -14.07
C GLY C 6 19.69 26.83 -13.87
N GLU C 7 20.33 25.71 -14.23
CA GLU C 7 21.77 25.57 -14.09
C GLU C 7 22.49 25.92 -15.39
#